data_4LAB
#
_entry.id   4LAB
#
_cell.length_a   82.390
_cell.length_b   82.390
_cell.length_c   74.900
_cell.angle_alpha   90.00
_cell.angle_beta   90.00
_cell.angle_gamma   90.00
#
_symmetry.space_group_name_H-M   'P 43 21 2'
#
loop_
_entity.id
_entity.type
_entity.pdbx_description
1 polymer 'Ribosomal large subunit pseudouridine synthase B'
2 non-polymer 'PLATINUM (II) ION'
3 non-polymer 'CHLORIDE ION'
4 water water
#
_entity_poly.entity_id   1
_entity_poly.type   'polypeptide(L)'
_entity_poly.pdbx_seq_one_letter_code
;GPGSMSEKLQKVLARAGHGSRREIESIIEAGRVSVDGKIAKLGDRVEVTPGLKIRIDGHLISVRESAEQICRVLAYYKPE
GELCTRNDPEGRPTVFDRLPKLRGARWIAVGRLDVNTCGLLLFTTDGELANRLMHPSREVEREYAVRVFGQVDDAKLRDL
SRGVQLEDGPAAFKTIKFSGGEGINQWYNVTLTEGRNREVRRLWEAVGVQVSRLIRVRYGDIPLPKGLPRGGWTELDLAQ
TNYLRELVELPPETS
;
_entity_poly.pdbx_strand_id   A
#
# COMPACT_ATOMS: atom_id res chain seq x y z
N GLN A 69 16.20 16.93 12.06
CA GLN A 69 15.49 17.52 13.19
C GLN A 69 14.07 16.97 13.31
N ILE A 70 13.07 17.74 12.89
CA ILE A 70 11.68 17.35 13.15
C ILE A 70 11.12 16.26 12.23
N CYS A 71 10.30 15.40 12.84
CA CYS A 71 9.73 14.24 12.17
C CYS A 71 8.55 14.62 11.32
N ARG A 72 8.71 14.55 10.00
CA ARG A 72 7.61 14.81 9.10
C ARG A 72 7.13 13.50 8.45
N VAL A 73 5.84 13.43 8.15
CA VAL A 73 5.27 12.25 7.52
C VAL A 73 4.30 12.69 6.41
N LEU A 74 4.44 12.08 5.23
CA LEU A 74 3.53 12.35 4.12
C LEU A 74 2.72 11.12 3.81
N ALA A 75 1.52 11.33 3.31
CA ALA A 75 0.67 10.26 2.80
C ALA A 75 0.46 10.53 1.34
N TYR A 76 0.88 9.59 0.51
CA TYR A 76 0.86 9.77 -0.94
C TYR A 76 -0.05 8.72 -1.54
N TYR A 77 -0.80 9.13 -2.56
CA TYR A 77 -1.68 8.24 -3.29
C TYR A 77 -0.96 7.92 -4.58
N LYS A 78 -0.20 6.82 -4.56
CA LYS A 78 0.61 6.46 -5.70
C LYS A 78 -0.25 6.13 -6.91
N PRO A 79 0.05 6.73 -8.06
CA PRO A 79 -0.61 6.29 -9.28
C PRO A 79 0.09 5.10 -9.91
N GLU A 80 -0.65 4.38 -10.73
CA GLU A 80 -0.10 3.28 -11.50
C GLU A 80 0.89 3.87 -12.49
N GLY A 81 2.01 3.18 -12.70
CA GLY A 81 2.99 3.58 -13.68
C GLY A 81 4.17 4.34 -13.10
N GLU A 82 4.11 4.66 -11.81
CA GLU A 82 5.22 5.37 -11.15
C GLU A 82 6.20 4.43 -10.47
N LEU A 83 7.49 4.70 -10.63
CA LEU A 83 8.52 3.88 -9.99
C LEU A 83 8.75 4.31 -8.56
N CYS A 84 9.25 3.39 -7.75
CA CYS A 84 9.51 3.64 -6.34
C CYS A 84 10.97 3.97 -6.06
N THR A 85 11.78 4.08 -7.11
CA THR A 85 13.19 4.39 -6.96
C THR A 85 13.36 5.90 -6.76
N ARG A 86 14.49 6.31 -6.19
CA ARG A 86 14.68 7.73 -5.88
C ARG A 86 14.87 8.57 -7.14
N ASN A 87 15.50 8.01 -8.16
CA ASN A 87 15.61 8.71 -9.44
C ASN A 87 15.84 7.76 -10.60
N ASP A 88 15.45 8.22 -11.78
CA ASP A 88 15.65 7.44 -12.99
C ASP A 88 16.39 8.31 -14.00
N PRO A 89 17.55 7.84 -14.48
CA PRO A 89 18.34 8.55 -15.49
C PRO A 89 17.67 8.60 -16.87
N GLU A 90 16.46 8.08 -16.98
CA GLU A 90 15.70 8.19 -18.23
C GLU A 90 14.63 9.28 -18.15
N GLY A 91 14.38 9.78 -16.94
CA GLY A 91 13.40 10.82 -16.73
C GLY A 91 12.01 10.27 -16.46
N ARG A 92 11.91 8.95 -16.38
CA ARG A 92 10.65 8.29 -16.08
C ARG A 92 10.10 8.71 -14.71
N PRO A 93 8.76 8.77 -14.59
CA PRO A 93 8.08 9.22 -13.36
C PRO A 93 8.39 8.35 -12.14
N THR A 94 8.69 9.00 -11.03
CA THR A 94 8.93 8.30 -9.78
C THR A 94 8.06 8.93 -8.71
N VAL A 95 7.85 8.18 -7.63
CA VAL A 95 7.02 8.66 -6.54
C VAL A 95 7.62 9.88 -5.84
N PHE A 96 8.86 10.22 -6.18
CA PHE A 96 9.55 11.33 -5.55
C PHE A 96 9.44 12.63 -6.35
N ASP A 97 8.95 12.55 -7.57
CA ASP A 97 8.92 13.71 -8.47
C ASP A 97 8.02 14.84 -7.98
N ARG A 98 6.91 14.48 -7.34
CA ARG A 98 5.93 15.49 -6.96
C ARG A 98 5.92 15.78 -5.46
N LEU A 99 6.76 15.07 -4.72
CA LEU A 99 6.90 15.36 -3.29
C LEU A 99 7.47 16.75 -3.12
N PRO A 100 7.18 17.39 -1.98
CA PRO A 100 7.73 18.72 -1.70
C PRO A 100 9.23 18.66 -1.49
N LYS A 101 9.99 19.46 -2.24
CA LYS A 101 11.43 19.50 -2.10
C LYS A 101 11.83 20.11 -0.77
N LEU A 102 12.34 19.28 0.13
CA LEU A 102 12.87 19.78 1.39
C LEU A 102 14.39 19.96 1.35
N ARG A 103 14.96 20.41 2.45
CA ARG A 103 16.40 20.65 2.52
C ARG A 103 16.85 20.57 3.97
N GLY A 104 17.92 19.85 4.23
CA GLY A 104 18.35 19.58 5.60
C GLY A 104 17.74 18.28 6.08
N ALA A 105 16.94 17.67 5.20
CA ALA A 105 16.31 16.40 5.49
C ALA A 105 15.99 15.67 4.18
N ARG A 106 15.50 14.44 4.29
CA ARG A 106 15.29 13.61 3.11
C ARG A 106 14.06 12.75 3.32
N TRP A 107 13.17 12.69 2.32
CA TRP A 107 12.03 11.79 2.40
C TRP A 107 12.48 10.35 2.21
N ILE A 108 11.97 9.48 3.05
CA ILE A 108 12.25 8.05 2.95
C ILE A 108 10.94 7.32 2.81
N ALA A 109 10.88 6.40 1.84
CA ALA A 109 9.68 5.61 1.58
C ALA A 109 9.47 4.55 2.64
N VAL A 110 8.25 4.48 3.17
CA VAL A 110 7.92 3.41 4.09
C VAL A 110 7.45 2.23 3.26
N GLY A 111 8.41 1.40 2.87
CA GLY A 111 8.17 0.27 2.00
C GLY A 111 8.18 0.71 0.55
N ARG A 112 7.67 -0.17 -0.32
CA ARG A 112 7.56 0.14 -1.72
C ARG A 112 6.22 -0.35 -2.22
N LEU A 113 5.87 0.02 -3.44
CA LEU A 113 4.70 -0.51 -4.10
C LEU A 113 5.11 -0.92 -5.50
N ASP A 114 4.48 -1.95 -6.02
CA ASP A 114 4.73 -2.36 -7.39
C ASP A 114 4.40 -1.21 -8.34
N VAL A 115 5.11 -1.14 -9.46
CA VAL A 115 4.91 -0.09 -10.45
C VAL A 115 3.43 0.01 -10.87
N ASN A 116 2.76 -1.14 -10.96
CA ASN A 116 1.35 -1.18 -11.35
C ASN A 116 0.39 -1.22 -10.16
N THR A 117 0.87 -0.90 -8.96
CA THR A 117 -0.01 -0.82 -7.81
C THR A 117 -0.25 0.62 -7.41
N CYS A 118 -1.52 0.98 -7.26
CA CYS A 118 -1.89 2.32 -6.84
C CYS A 118 -2.09 2.37 -5.34
N GLY A 119 -2.15 3.58 -4.80
CA GLY A 119 -2.61 3.76 -3.43
C GLY A 119 -1.59 4.23 -2.42
N LEU A 120 -1.92 3.97 -1.17
CA LEU A 120 -1.24 4.56 -0.03
C LEU A 120 0.23 4.16 0.07
N LEU A 121 1.08 5.18 0.18
CA LEU A 121 2.50 5.01 0.40
C LEU A 121 2.94 6.13 1.33
N LEU A 122 3.43 5.77 2.50
CA LEU A 122 3.93 6.77 3.44
C LEU A 122 5.38 7.13 3.16
N PHE A 123 5.72 8.37 3.48
CA PHE A 123 7.09 8.86 3.42
C PHE A 123 7.34 9.55 4.75
N THR A 124 8.57 9.48 5.24
CA THR A 124 8.92 10.19 6.46
C THR A 124 10.39 10.61 6.44
N THR A 125 10.71 11.68 7.17
CA THR A 125 12.07 12.16 7.25
C THR A 125 12.87 11.39 8.30
N ASP A 126 12.15 10.59 9.08
CA ASP A 126 12.72 9.94 10.25
C ASP A 126 13.02 8.49 9.91
N GLY A 127 14.31 8.14 9.92
CA GLY A 127 14.71 6.80 9.57
C GLY A 127 14.23 5.73 10.53
N GLU A 128 14.19 6.06 11.82
CA GLU A 128 13.74 5.08 12.79
C GLU A 128 12.25 4.77 12.63
N LEU A 129 11.46 5.80 12.36
CA LEU A 129 10.02 5.64 12.19
C LEU A 129 9.70 4.82 10.95
N ALA A 130 10.44 5.05 9.87
CA ALA A 130 10.27 4.27 8.65
C ALA A 130 10.65 2.83 8.90
N ASN A 131 11.75 2.62 9.64
CA ASN A 131 12.17 1.26 9.99
C ASN A 131 11.07 0.50 10.71
N ARG A 132 10.52 1.09 11.76
CA ARG A 132 9.57 0.37 12.59
C ARG A 132 8.21 0.17 11.92
N LEU A 133 7.90 1.00 10.93
CA LEU A 133 6.63 0.93 10.23
C LEU A 133 6.54 -0.16 9.17
N MET A 134 7.62 -0.38 8.43
CA MET A 134 7.63 -1.50 7.48
C MET A 134 8.17 -2.76 8.10
N HIS A 135 8.73 -2.65 9.29
CA HIS A 135 9.13 -3.83 10.06
C HIS A 135 8.45 -3.86 11.43
N PRO A 136 7.14 -4.12 11.43
CA PRO A 136 6.35 -4.11 12.66
C PRO A 136 6.54 -5.40 13.44
N SER A 137 6.61 -5.30 14.77
CA SER A 137 6.72 -6.47 15.63
C SER A 137 5.37 -7.16 15.74
N ARG A 138 4.32 -6.45 15.33
CA ARG A 138 2.97 -6.99 15.31
C ARG A 138 2.49 -7.12 13.87
N GLU A 139 1.82 -8.24 13.57
CA GLU A 139 1.25 -8.48 12.26
C GLU A 139 0.28 -7.37 11.86
N VAL A 140 0.48 -6.83 10.65
CA VAL A 140 -0.36 -5.72 10.19
C VAL A 140 -1.14 -6.08 8.93
N GLU A 141 -2.45 -5.83 8.96
CA GLU A 141 -3.29 -6.03 7.80
C GLU A 141 -3.00 -4.94 6.79
N ARG A 142 -3.00 -5.31 5.52
CA ARG A 142 -2.97 -4.35 4.43
C ARG A 142 -4.23 -4.58 3.61
N GLU A 143 -4.98 -3.52 3.33
CA GLU A 143 -6.23 -3.68 2.60
C GLU A 143 -6.16 -3.11 1.20
N TYR A 144 -6.68 -3.86 0.24
CA TYR A 144 -6.62 -3.50 -1.16
C TYR A 144 -7.99 -3.52 -1.81
N ALA A 145 -8.27 -2.52 -2.64
CA ALA A 145 -9.44 -2.54 -3.48
C ALA A 145 -9.00 -3.09 -4.82
N VAL A 146 -9.55 -4.25 -5.19
CA VAL A 146 -9.08 -4.93 -6.38
C VAL A 146 -10.14 -5.03 -7.46
N ARG A 147 -9.78 -4.60 -8.66
CA ARG A 147 -10.62 -4.77 -9.84
C ARG A 147 -10.11 -5.95 -10.63
N VAL A 148 -11.00 -6.89 -10.94
CA VAL A 148 -10.62 -8.08 -11.68
C VAL A 148 -11.38 -8.20 -12.98
N PHE A 149 -10.74 -8.78 -13.99
CA PHE A 149 -11.36 -8.94 -15.30
C PHE A 149 -12.40 -10.05 -15.32
N GLY A 150 -13.57 -9.74 -15.84
CA GLY A 150 -14.65 -10.71 -15.96
C GLY A 150 -15.26 -11.06 -14.62
N GLN A 151 -16.25 -11.91 -14.64
CA GLN A 151 -16.90 -12.33 -13.40
C GLN A 151 -16.16 -13.52 -12.80
N VAL A 152 -16.09 -13.55 -11.47
CA VAL A 152 -15.31 -14.57 -10.78
C VAL A 152 -16.19 -15.64 -10.17
N ASP A 153 -15.86 -16.90 -10.48
CA ASP A 153 -16.58 -18.05 -9.93
C ASP A 153 -16.45 -18.11 -8.40
N ASP A 154 -17.52 -18.53 -7.74
CA ASP A 154 -17.58 -18.51 -6.28
C ASP A 154 -16.62 -19.50 -5.62
N ALA A 155 -16.31 -20.60 -6.32
CA ALA A 155 -15.40 -21.60 -5.78
C ALA A 155 -13.97 -21.06 -5.77
N LYS A 156 -13.64 -20.25 -6.77
CA LYS A 156 -12.35 -19.56 -6.82
C LYS A 156 -12.17 -18.70 -5.58
N LEU A 157 -13.28 -18.10 -5.13
CA LEU A 157 -13.27 -17.32 -3.92
C LEU A 157 -12.99 -18.20 -2.72
N ARG A 158 -13.56 -19.40 -2.72
CA ARG A 158 -13.32 -20.36 -1.65
C ARG A 158 -11.84 -20.71 -1.57
N ASP A 159 -11.22 -20.90 -2.73
CA ASP A 159 -9.79 -21.23 -2.79
C ASP A 159 -8.93 -20.12 -2.20
N LEU A 160 -9.19 -18.89 -2.64
CA LEU A 160 -8.44 -17.73 -2.19
C LEU A 160 -8.58 -17.50 -0.69
N SER A 161 -9.72 -17.91 -0.14
CA SER A 161 -10.00 -17.72 1.27
C SER A 161 -9.56 -18.93 2.08
N ARG A 162 -9.35 -20.06 1.40
CA ARG A 162 -8.84 -21.26 2.05
C ARG A 162 -7.33 -21.39 1.83
N GLY A 163 -6.86 -20.91 0.68
CA GLY A 163 -5.43 -20.86 0.42
C GLY A 163 -4.95 -21.60 -0.82
N VAL A 164 -3.89 -21.09 -1.45
CA VAL A 164 -3.26 -21.74 -2.59
C VAL A 164 -1.75 -21.78 -2.42
N GLN A 165 -1.08 -22.58 -3.25
CA GLN A 165 0.37 -22.68 -3.20
C GLN A 165 1.00 -22.03 -4.42
N LEU A 166 1.83 -21.01 -4.20
CA LEU A 166 2.53 -20.34 -5.29
C LEU A 166 4.03 -20.47 -5.16
N GLU A 167 4.74 -19.75 -6.02
CA GLU A 167 6.19 -19.88 -6.19
C GLU A 167 6.98 -19.76 -4.89
N ASP A 168 6.49 -18.94 -3.96
CA ASP A 168 7.18 -18.73 -2.69
C ASP A 168 6.44 -19.39 -1.53
N GLY A 169 5.77 -20.51 -1.81
CA GLY A 169 5.04 -21.21 -0.77
C GLY A 169 3.64 -20.66 -0.60
N PRO A 170 2.81 -21.37 0.18
CA PRO A 170 1.38 -21.08 0.36
C PRO A 170 1.09 -19.65 0.80
N ALA A 171 -0.07 -19.16 0.37
CA ALA A 171 -0.53 -17.82 0.73
C ALA A 171 -2.06 -17.79 0.68
N ALA A 172 -2.67 -16.77 1.29
CA ALA A 172 -4.12 -16.66 1.33
C ALA A 172 -4.60 -15.25 1.67
N PHE A 173 -5.83 -14.95 1.28
CA PHE A 173 -6.47 -13.69 1.61
C PHE A 173 -7.18 -13.80 2.96
N LYS A 174 -6.76 -12.99 3.92
CA LYS A 174 -7.39 -13.00 5.25
C LYS A 174 -8.84 -12.54 5.18
N THR A 175 -9.20 -11.87 4.09
CA THR A 175 -10.54 -11.34 3.92
C THR A 175 -10.81 -11.07 2.45
N ILE A 176 -12.01 -11.43 1.98
CA ILE A 176 -12.44 -11.12 0.63
C ILE A 176 -13.89 -10.64 0.61
N LYS A 177 -14.09 -9.34 0.40
CA LYS A 177 -15.44 -8.79 0.23
C LYS A 177 -15.62 -8.27 -1.19
N PHE A 178 -16.67 -8.73 -1.87
CA PHE A 178 -16.99 -8.22 -3.20
C PHE A 178 -17.49 -6.78 -3.11
N SER A 179 -16.75 -5.86 -3.72
CA SER A 179 -17.18 -4.45 -3.75
C SER A 179 -18.11 -4.21 -4.93
N GLY A 180 -17.98 -3.05 -5.56
CA GLY A 180 -18.82 -2.70 -6.69
C GLY A 180 -18.80 -3.69 -7.85
N GLY A 181 -19.73 -3.51 -8.79
CA GLY A 181 -19.80 -4.34 -9.97
C GLY A 181 -19.91 -3.52 -11.23
N GLU A 182 -18.77 -3.27 -11.87
CA GLU A 182 -18.72 -2.41 -13.04
C GLU A 182 -18.82 -3.21 -14.34
N GLY A 183 -20.02 -3.29 -14.90
CA GLY A 183 -20.23 -4.05 -16.12
C GLY A 183 -19.91 -5.52 -15.91
N ILE A 184 -18.97 -6.05 -16.69
CA ILE A 184 -18.60 -7.45 -16.55
C ILE A 184 -17.40 -7.61 -15.62
N ASN A 185 -16.66 -6.54 -15.42
CA ASN A 185 -15.52 -6.56 -14.51
C ASN A 185 -15.92 -6.27 -13.06
N GLN A 186 -15.33 -7.02 -12.13
CA GLN A 186 -15.79 -6.98 -10.73
C GLN A 186 -14.77 -6.35 -9.79
N TRP A 187 -15.26 -5.82 -8.68
CA TRP A 187 -14.42 -5.24 -7.64
C TRP A 187 -14.49 -6.05 -6.36
N TYR A 188 -13.32 -6.33 -5.79
CA TYR A 188 -13.26 -6.99 -4.51
C TYR A 188 -12.36 -6.20 -3.58
N ASN A 189 -12.70 -6.20 -2.30
CA ASN A 189 -11.81 -5.65 -1.28
C ASN A 189 -11.23 -6.80 -0.46
N VAL A 190 -9.91 -6.89 -0.45
CA VAL A 190 -9.23 -8.02 0.19
C VAL A 190 -8.19 -7.51 1.19
N THR A 191 -7.84 -8.33 2.17
CA THR A 191 -6.76 -7.98 3.09
C THR A 191 -5.75 -9.13 3.20
N LEU A 192 -4.52 -8.79 3.56
CA LEU A 192 -3.51 -9.80 3.89
C LEU A 192 -2.53 -9.30 4.94
N THR A 193 -1.81 -10.23 5.57
CA THR A 193 -0.98 -9.90 6.72
C THR A 193 0.51 -10.04 6.42
N GLU A 194 0.82 -10.72 5.32
CA GLU A 194 2.18 -10.73 4.82
C GLU A 194 2.36 -9.56 3.89
N GLY A 195 3.23 -9.70 2.89
CA GLY A 195 3.47 -8.61 1.97
C GLY A 195 4.55 -8.94 0.96
N ARG A 196 4.63 -10.21 0.57
CA ARG A 196 5.56 -10.64 -0.45
C ARG A 196 5.25 -9.91 -1.74
N ASN A 197 6.28 -9.63 -2.53
CA ASN A 197 6.12 -8.86 -3.75
C ASN A 197 5.04 -9.39 -4.68
N ARG A 198 4.15 -8.48 -5.08
CA ARG A 198 3.05 -8.79 -5.99
C ARG A 198 2.14 -9.92 -5.50
N GLU A 199 2.07 -10.12 -4.19
CA GLU A 199 1.26 -11.20 -3.64
C GLU A 199 -0.21 -11.17 -4.07
N VAL A 200 -0.79 -9.98 -4.15
CA VAL A 200 -2.20 -9.83 -4.51
C VAL A 200 -2.48 -10.28 -5.94
N ARG A 201 -1.63 -9.86 -6.87
CA ARG A 201 -1.76 -10.30 -8.26
C ARG A 201 -1.59 -11.80 -8.40
N ARG A 202 -0.51 -12.33 -7.83
CA ARG A 202 -0.20 -13.75 -7.92
C ARG A 202 -1.30 -14.60 -7.28
N LEU A 203 -1.95 -14.07 -6.25
CA LEU A 203 -3.04 -14.77 -5.59
C LEU A 203 -4.20 -14.96 -6.56
N TRP A 204 -4.64 -13.87 -7.19
CA TRP A 204 -5.71 -13.95 -8.19
C TRP A 204 -5.29 -14.76 -9.41
N GLU A 205 -3.99 -14.71 -9.74
CA GLU A 205 -3.45 -15.41 -10.90
C GLU A 205 -3.50 -16.92 -10.71
N ALA A 206 -3.14 -17.37 -9.52
CA ALA A 206 -3.11 -18.79 -9.20
C ALA A 206 -4.50 -19.42 -9.26
N VAL A 207 -5.53 -18.60 -9.33
CA VAL A 207 -6.90 -19.10 -9.38
C VAL A 207 -7.49 -18.86 -10.77
N GLY A 208 -6.69 -18.28 -11.65
CA GLY A 208 -7.06 -18.12 -13.05
C GLY A 208 -7.63 -16.77 -13.41
N VAL A 209 -7.48 -15.80 -12.52
CA VAL A 209 -8.08 -14.48 -12.68
C VAL A 209 -7.04 -13.38 -12.81
N GLN A 210 -7.11 -12.62 -13.89
CA GLN A 210 -6.17 -11.51 -14.11
C GLN A 210 -6.62 -10.26 -13.38
N VAL A 211 -5.68 -9.52 -12.78
CA VAL A 211 -6.02 -8.28 -12.09
C VAL A 211 -5.98 -7.08 -13.03
N SER A 212 -7.05 -6.29 -13.02
CA SER A 212 -7.18 -5.11 -13.86
C SER A 212 -6.56 -3.88 -13.22
N ARG A 213 -6.95 -3.59 -11.99
CA ARG A 213 -6.45 -2.44 -11.25
C ARG A 213 -6.29 -2.83 -9.78
N LEU A 214 -5.29 -2.25 -9.12
CA LEU A 214 -4.98 -2.59 -7.73
C LEU A 214 -4.68 -1.35 -6.88
N ILE A 215 -5.56 -1.05 -5.94
CA ILE A 215 -5.36 0.11 -5.08
C ILE A 215 -5.16 -0.30 -3.62
N ARG A 216 -4.07 0.15 -3.00
CA ARG A 216 -3.89 -0.03 -1.56
C ARG A 216 -4.61 1.09 -0.82
N VAL A 217 -5.52 0.73 0.09
CA VAL A 217 -6.40 1.71 0.71
C VAL A 217 -6.25 1.81 2.23
N ARG A 218 -5.44 0.91 2.80
CA ARG A 218 -5.25 0.90 4.23
C ARG A 218 -4.02 0.07 4.61
N TYR A 219 -3.19 0.63 5.48
CA TYR A 219 -2.08 -0.10 6.09
C TYR A 219 -2.29 -0.03 7.60
N GLY A 220 -2.68 -1.14 8.20
CA GLY A 220 -3.02 -1.15 9.61
C GLY A 220 -4.13 -0.18 9.95
N ASP A 221 -3.85 0.74 10.87
CA ASP A 221 -4.86 1.71 11.28
C ASP A 221 -4.80 2.98 10.43
N ILE A 222 -4.08 2.91 9.32
CA ILE A 222 -3.87 4.09 8.49
C ILE A 222 -4.50 3.92 7.11
N PRO A 223 -5.61 4.64 6.87
CA PRO A 223 -6.29 4.58 5.57
C PRO A 223 -5.88 5.76 4.69
N LEU A 224 -6.13 5.67 3.40
CA LEU A 224 -5.98 6.81 2.51
C LEU A 224 -6.83 7.96 3.03
N PRO A 225 -6.23 9.15 3.14
CA PRO A 225 -6.99 10.38 3.44
C PRO A 225 -8.12 10.62 2.45
N LYS A 226 -9.30 10.98 2.96
CA LYS A 226 -10.52 11.10 2.17
C LYS A 226 -10.43 12.02 0.96
N GLY A 227 -9.94 13.24 1.17
CA GLY A 227 -9.88 14.20 0.08
C GLY A 227 -8.87 13.80 -0.99
N LEU A 228 -7.82 13.15 -0.51
CA LEU A 228 -6.60 12.88 -1.27
C LEU A 228 -6.81 12.21 -2.62
N PRO A 229 -6.45 12.91 -3.71
CA PRO A 229 -6.62 12.41 -5.08
C PRO A 229 -5.43 11.59 -5.56
N ARG A 230 -5.64 10.92 -6.70
CA ARG A 230 -4.61 10.12 -7.35
C ARG A 230 -3.39 10.99 -7.64
N GLY A 231 -2.25 10.63 -7.06
CA GLY A 231 -1.01 11.33 -7.34
C GLY A 231 -0.74 12.53 -6.45
N GLY A 232 -1.56 12.71 -5.42
CA GLY A 232 -1.37 13.83 -4.51
C GLY A 232 -0.81 13.37 -3.19
N TRP A 233 -0.40 14.31 -2.36
CA TRP A 233 0.13 14.01 -1.03
C TRP A 233 -0.43 14.95 0.02
N THR A 234 -0.41 14.49 1.26
CA THR A 234 -0.89 15.26 2.39
C THR A 234 0.09 15.11 3.52
N GLU A 235 0.44 16.21 4.18
CA GLU A 235 1.32 16.18 5.33
C GLU A 235 0.52 15.92 6.60
N LEU A 236 1.00 14.98 7.42
CA LEU A 236 0.37 14.69 8.70
C LEU A 236 0.71 15.79 9.71
N ASP A 237 -0.25 16.17 10.54
CA ASP A 237 0.03 17.13 11.60
C ASP A 237 0.73 16.46 12.77
N LEU A 238 1.14 17.25 13.75
CA LEU A 238 1.88 16.73 14.89
C LEU A 238 1.12 15.62 15.62
N ALA A 239 -0.19 15.77 15.75
CA ALA A 239 -1.00 14.77 16.45
C ALA A 239 -1.03 13.45 15.67
N GLN A 240 -1.22 13.53 14.36
CA GLN A 240 -1.24 12.35 13.52
C GLN A 240 0.14 11.67 13.49
N THR A 241 1.17 12.51 13.45
CA THR A 241 2.55 12.03 13.45
C THR A 241 2.84 11.28 14.75
N ASN A 242 2.47 11.87 15.86
CA ASN A 242 2.69 11.26 17.16
C ASN A 242 1.91 9.98 17.34
N TYR A 243 0.74 9.93 16.71
CA TYR A 243 -0.04 8.71 16.69
C TYR A 243 0.77 7.60 16.04
N LEU A 244 1.42 7.91 14.92
CA LEU A 244 2.31 6.96 14.27
C LEU A 244 3.50 6.55 15.14
N ARG A 245 4.14 7.53 15.77
CA ARG A 245 5.30 7.25 16.61
C ARG A 245 4.91 6.43 17.84
N GLU A 246 3.66 6.59 18.25
CA GLU A 246 3.11 5.83 19.38
C GLU A 246 2.81 4.38 18.99
N LEU A 247 2.34 4.17 17.77
CA LEU A 247 2.00 2.82 17.29
C LEU A 247 3.24 1.97 17.08
N VAL A 248 4.40 2.55 17.34
CA VAL A 248 5.68 1.99 16.91
C VAL A 248 6.66 2.12 18.08
N GLU A 249 6.13 2.62 19.20
CA GLU A 249 6.83 2.73 20.47
C GLU A 249 8.00 3.73 20.42
N LEU A 250 7.80 4.81 19.69
CA LEU A 250 8.78 5.89 19.63
C LEU A 250 8.31 7.07 20.47
N PRO A 251 9.26 7.81 21.08
CA PRO A 251 8.86 8.97 21.88
C PRO A 251 8.16 10.01 21.00
N PRO A 252 7.20 10.74 21.57
CA PRO A 252 6.42 11.74 20.82
C PRO A 252 7.21 13.02 20.54
N GLU A 253 7.01 13.60 19.36
CA GLU A 253 7.60 14.87 19.02
C GLU A 253 6.81 16.00 19.69
N THR A 254 7.48 17.09 20.01
CA THR A 254 6.82 18.20 20.70
C THR A 254 6.69 19.47 19.85
N SER A 255 7.30 19.45 18.66
CA SER A 255 7.22 20.59 17.77
C SER A 255 7.38 20.14 16.32
#